data_6SXS
#
_entry.id   6SXS
#
_cell.length_a   111.136
_cell.length_b   111.136
_cell.length_c   342.742
_cell.angle_alpha   90.000
_cell.angle_beta   90.000
_cell.angle_gamma   120.000
#
_symmetry.space_group_name_H-M   'H 3 2'
#
loop_
_entity.id
_entity.type
_entity.pdbx_description
1 polymer 'Alpha-L-arabinofuranosidase B'
2 branched 2-acetamido-2-deoxy-beta-D-glucopyranose-(1-4)-2-acetamido-2-deoxy-beta-D-glucopyranose
3 non-polymer 2-acetamido-2-deoxy-beta-D-glucopyranose
4 non-polymer 'SULFATE ION'
5 non-polymer 'TRIETHYLENE GLYCOL'
6 non-polymer 1,2-ETHANEDIOL
7 non-polymer DI(HYDROXYETHYL)ETHER
8 non-polymer 'ACETATE ION'
9 non-polymer '[(1~{S},2~{S},3~{S},4~{S})-2-(hydroxymethyl)-3,4-bis(oxidanyl)cyclopentyl] hydrogen sulfate'
10 water water
#
_entity_poly.entity_id   1
_entity_poly.type   'polypeptide(L)'
_entity_poly.pdbx_seq_one_letter_code
;MGPCDIYEAGDTPCVAAHSTTRALYSSFSGALYQLQRGSDDTTTTISPLTAGGIADASAQDTFCANTTCLITIIYDQSGN
GNHLTQAPPGGFDGPDTDGYDNLASAIGAPVTLNGQKAYGVFMSPGTGYRNNEATGTATGDEAEGMYAVLDGTHYNDACC
FDYGNAETSSTDTGAGHMEAIYLGNSTTWGYGAGDGPWIMVDMENNLFSGADEGYNSGDPSISYRFVTAAVKGGADKWAI
RGANAASGSLSTYYSGARPDYSGYNPMSKEGAIILGIGGDNSNGAQGTFYEGVMTSGYPSDDTENSVQENIVAAKYVVGS
LVSGPSFTSGEVVSLRVTTPGYTTRYIAHTDTTVNTQVVDDDSSTTLKEEASWTVVTGLANSQCFSFESVDTPGSYIRHY
NFELLLNANDGTKQFHEDATFCPQAALNGEGTSLRSWSYPTRYFRHYENVLYAASNGGVQTFDSKTSFNNDVSFEIETAF
AS
;
_entity_poly.pdbx_strand_id   AAA
#
# COMPACT_ATOMS: atom_id res chain seq x y z
N MET A 1 3.43 -11.82 25.38
CA MET A 1 3.66 -12.79 24.24
C MET A 1 3.15 -12.16 22.94
N GLY A 2 4.07 -11.84 22.01
CA GLY A 2 3.74 -11.40 20.64
C GLY A 2 3.44 -12.59 19.73
N PRO A 3 2.95 -12.32 18.49
CA PRO A 3 2.67 -13.38 17.54
C PRO A 3 3.78 -14.42 17.38
N CYS A 4 5.04 -13.99 17.25
CA CYS A 4 6.19 -14.90 17.03
C CYS A 4 6.53 -15.69 18.31
N ASP A 5 6.24 -15.16 19.49
CA ASP A 5 6.35 -15.94 20.76
C ASP A 5 5.30 -17.06 20.78
N ILE A 6 4.06 -16.76 20.32
CA ILE A 6 2.93 -17.70 20.19
C ILE A 6 3.31 -18.80 19.18
N TYR A 7 3.72 -18.47 17.96
CA TYR A 7 4.17 -19.46 16.96
C TYR A 7 5.27 -20.36 17.53
N GLU A 8 6.23 -19.74 18.18
CA GLU A 8 7.38 -20.40 18.85
C GLU A 8 6.82 -21.44 19.84
N ALA A 9 5.88 -21.03 20.68
CA ALA A 9 5.26 -21.89 21.71
C ALA A 9 4.54 -23.07 21.04
N GLY A 10 4.05 -22.92 19.82
CA GLY A 10 3.41 -24.04 19.07
C GLY A 10 4.43 -24.89 18.36
N ASP A 11 5.73 -24.68 18.61
CA ASP A 11 6.81 -25.42 17.92
C ASP A 11 6.76 -25.21 16.40
N THR A 12 6.24 -24.08 15.91
CA THR A 12 6.29 -23.69 14.47
C THR A 12 6.78 -22.25 14.42
N PRO A 13 8.09 -22.00 14.71
CA PRO A 13 8.58 -20.64 14.94
C PRO A 13 8.58 -19.79 13.65
N CYS A 14 8.43 -18.48 13.80
CA CYS A 14 8.68 -17.51 12.69
C CYS A 14 10.13 -17.66 12.17
N VAL A 15 10.28 -17.63 10.85
CA VAL A 15 11.62 -17.56 10.20
C VAL A 15 11.71 -16.24 9.44
N ALA A 16 10.62 -15.47 9.40
CA ALA A 16 10.60 -14.10 8.84
C ALA A 16 9.46 -13.34 9.52
N ALA A 17 9.74 -12.16 10.07
CA ALA A 17 8.71 -11.42 10.82
C ALA A 17 8.80 -9.94 10.42
N HIS A 18 7.76 -9.43 9.80
CA HIS A 18 7.86 -8.11 9.10
C HIS A 18 6.70 -7.22 9.56
N SER A 19 7.00 -6.06 10.12
CA SER A 19 5.96 -5.08 10.48
C SER A 19 6.59 -3.69 10.53
N THR A 20 5.86 -2.72 9.98
CA THR A 20 6.15 -1.29 10.17
C THR A 20 5.36 -0.72 11.35
N THR A 21 4.39 -1.45 11.86
CA THR A 21 3.52 -0.94 12.96
C THR A 21 4.02 -1.37 14.33
N ARG A 22 4.57 -2.59 14.48
CA ARG A 22 4.92 -3.04 15.86
C ARG A 22 5.89 -4.21 15.88
N ALA A 23 6.48 -4.41 17.06
CA ALA A 23 7.31 -5.61 17.38
C ALA A 23 6.39 -6.82 17.34
N LEU A 24 6.85 -7.94 16.79
CA LEU A 24 6.04 -9.19 16.75
C LEU A 24 6.58 -10.22 17.77
N TYR A 25 7.62 -9.83 18.52
CA TYR A 25 8.17 -10.57 19.69
C TYR A 25 8.09 -9.66 20.90
N SER A 26 7.69 -10.18 22.04
CA SER A 26 7.55 -9.35 23.26
C SER A 26 8.91 -8.74 23.65
N SER A 27 10.03 -9.35 23.27
CA SER A 27 11.34 -8.82 23.70
C SER A 27 12.05 -8.12 22.54
N PHE A 28 11.42 -7.98 21.37
CA PHE A 28 12.08 -7.28 20.24
C PHE A 28 12.14 -5.77 20.49
N SER A 29 13.32 -5.15 20.38
CA SER A 29 13.40 -3.68 20.46
C SER A 29 14.35 -3.12 19.39
N GLY A 30 14.69 -3.91 18.38
CA GLY A 30 15.50 -3.49 17.24
C GLY A 30 14.71 -2.69 16.23
N ALA A 31 15.34 -2.40 15.09
CA ALA A 31 14.72 -1.67 13.95
C ALA A 31 13.58 -2.50 13.33
N LEU A 32 12.41 -1.88 13.15
CA LEU A 32 11.26 -2.46 12.41
C LEU A 32 11.43 -2.20 10.92
N TYR A 33 11.89 -0.99 10.56
CA TYR A 33 11.99 -0.58 9.15
C TYR A 33 12.92 0.62 9.01
N GLN A 34 13.35 0.83 7.76
CA GLN A 34 14.22 1.96 7.40
C GLN A 34 13.45 2.91 6.48
N LEU A 35 13.70 4.18 6.70
CA LEU A 35 13.12 5.30 5.93
C LEU A 35 14.23 5.89 5.09
N GLN A 36 13.92 6.40 3.91
CA GLN A 36 14.84 7.30 3.17
C GLN A 36 14.05 8.56 2.86
N ARG A 37 14.63 9.74 3.11
CA ARG A 37 13.88 10.99 2.85
C ARG A 37 14.42 11.64 1.57
N GLY A 38 13.55 12.34 0.83
CA GLY A 38 13.92 12.98 -0.44
C GLY A 38 14.83 14.19 -0.31
N SER A 39 14.81 14.93 0.79
CA SER A 39 15.57 16.20 0.99
C SER A 39 17.08 15.95 0.84
N ASP A 40 17.64 14.91 1.46
CA ASP A 40 19.10 14.64 1.39
C ASP A 40 19.42 13.19 1.01
N ASP A 41 18.39 12.40 0.69
CA ASP A 41 18.54 10.96 0.37
C ASP A 41 19.18 10.14 1.51
N THR A 42 19.20 10.62 2.74
CA THR A 42 19.74 9.85 3.87
C THR A 42 18.61 9.00 4.47
N THR A 43 19.02 8.05 5.29
CA THR A 43 18.13 7.04 5.90
C THR A 43 18.18 7.13 7.41
N THR A 44 17.13 6.60 8.04
CA THR A 44 17.08 6.37 9.49
C THR A 44 16.29 5.10 9.69
N THR A 45 16.30 4.57 10.91
CA THR A 45 15.49 3.39 11.31
C THR A 45 14.44 3.80 12.34
N ILE A 46 13.32 3.10 12.32
CA ILE A 46 12.25 3.27 13.31
C ILE A 46 12.18 1.98 14.12
N SER A 47 12.24 2.12 15.43
CA SER A 47 12.12 1.01 16.40
C SER A 47 10.84 1.15 17.18
N PRO A 48 10.47 0.09 17.94
CA PRO A 48 9.34 0.19 18.85
C PRO A 48 9.75 1.20 19.93
N LEU A 49 8.78 1.88 20.52
CA LEU A 49 9.02 2.81 21.66
C LEU A 49 9.35 2.03 22.92
N THR A 50 8.92 0.78 23.03
CA THR A 50 9.18 -0.12 24.17
C THR A 50 9.44 -1.52 23.57
N ALA A 51 10.21 -2.35 24.25
CA ALA A 51 10.48 -3.74 23.80
C ALA A 51 9.13 -4.43 23.61
N GLY A 52 8.89 -5.07 22.49
CA GLY A 52 7.57 -5.67 22.20
C GLY A 52 6.53 -4.63 21.89
N GLY A 53 6.89 -3.37 21.66
CA GLY A 53 5.90 -2.29 21.59
C GLY A 53 5.58 -1.87 20.16
N ILE A 54 5.01 -0.67 20.05
CA ILE A 54 4.51 -0.05 18.80
C ILE A 54 5.61 0.85 18.23
N ALA A 55 5.72 0.90 16.90
CA ALA A 55 6.66 1.76 16.15
C ALA A 55 6.64 3.19 16.65
N ASP A 56 7.80 3.83 16.64
CA ASP A 56 7.96 5.24 17.05
C ASP A 56 7.56 6.14 15.86
N ALA A 57 6.26 6.30 15.65
CA ALA A 57 5.71 7.08 14.53
C ALA A 57 6.15 8.54 14.65
N SER A 58 6.30 9.05 15.87
CA SER A 58 6.68 10.46 16.07
C SER A 58 8.12 10.64 15.54
N ALA A 59 9.00 9.65 15.70
CA ALA A 59 10.36 9.72 15.12
C ALA A 59 10.26 9.74 13.60
N GLN A 60 9.33 9.02 12.98
CA GLN A 60 9.14 9.09 11.51
C GLN A 60 8.70 10.52 11.11
N ASP A 61 7.65 11.04 11.73
CA ASP A 61 7.15 12.42 11.50
C ASP A 61 8.30 13.43 11.55
N THR A 62 9.21 13.31 12.53
CA THR A 62 10.37 14.21 12.70
C THR A 62 11.32 14.09 11.51
N PHE A 63 11.75 12.87 11.16
CA PHE A 63 12.73 12.66 10.08
C PHE A 63 12.17 13.14 8.74
N CYS A 64 10.88 12.94 8.52
CA CYS A 64 10.13 13.14 7.26
C CYS A 64 9.50 14.56 7.12
N ALA A 65 9.70 15.43 8.11
CA ALA A 65 9.15 16.80 8.11
C ALA A 65 9.68 17.57 6.90
N ASN A 66 8.80 18.30 6.22
CA ASN A 66 9.19 19.20 5.11
C ASN A 66 9.87 18.41 4.01
N THR A 67 9.48 17.15 3.82
CA THR A 67 10.03 16.34 2.72
C THR A 67 9.10 15.16 2.53
N THR A 68 9.55 14.20 1.75
CA THR A 68 8.87 12.93 1.46
C THR A 68 9.75 11.78 1.94
N CYS A 69 9.12 10.64 2.24
CA CYS A 69 9.80 9.45 2.78
C CYS A 69 9.30 8.19 2.07
N LEU A 70 10.26 7.32 1.80
CA LEU A 70 10.04 5.97 1.31
C LEU A 70 10.45 5.00 2.41
N ILE A 71 9.77 3.87 2.48
CA ILE A 71 10.21 2.72 3.30
C ILE A 71 11.15 1.90 2.42
N THR A 72 12.44 1.92 2.74
CA THR A 72 13.47 1.24 1.95
C THR A 72 13.57 -0.22 2.39
N ILE A 73 13.42 -0.48 3.69
CA ILE A 73 13.63 -1.85 4.24
C ILE A 73 12.53 -2.15 5.27
N ILE A 74 11.92 -3.33 5.17
CA ILE A 74 11.15 -3.91 6.30
C ILE A 74 12.00 -5.01 6.92
N TYR A 75 12.52 -4.78 8.09
CA TYR A 75 13.52 -5.71 8.68
C TYR A 75 12.79 -6.97 9.13
N ASP A 76 13.50 -8.09 9.02
CA ASP A 76 13.06 -9.36 9.65
C ASP A 76 13.38 -9.31 11.13
N GLN A 77 12.37 -9.38 11.98
CA GLN A 77 12.58 -9.28 13.46
C GLN A 77 13.08 -10.63 14.01
N SER A 78 13.04 -11.70 13.24
CA SER A 78 13.30 -13.10 13.70
C SER A 78 14.79 -13.34 13.88
N GLY A 79 15.66 -12.56 13.24
CA GLY A 79 17.12 -12.74 13.32
C GLY A 79 17.63 -13.58 12.16
N ASN A 80 16.77 -13.99 11.23
CA ASN A 80 17.17 -14.82 10.06
C ASN A 80 17.77 -13.91 8.98
N GLY A 81 17.77 -12.59 9.14
CA GLY A 81 18.29 -11.68 8.10
C GLY A 81 17.38 -11.57 6.88
N ASN A 82 16.11 -11.97 6.97
CA ASN A 82 15.19 -12.01 5.80
C ASN A 82 14.52 -10.63 5.56
N HIS A 83 15.31 -9.55 5.54
CA HIS A 83 14.81 -8.17 5.35
C HIS A 83 14.20 -8.03 3.96
N LEU A 84 13.09 -7.31 3.84
CA LEU A 84 12.46 -6.98 2.54
C LEU A 84 13.01 -5.65 2.01
N THR A 85 13.53 -5.67 0.79
CA THR A 85 14.12 -4.50 0.10
C THR A 85 13.48 -4.35 -1.30
N GLN A 86 13.77 -3.24 -1.94
CA GLN A 86 13.20 -2.87 -3.26
C GLN A 86 13.23 -4.11 -4.15
N ALA A 87 12.09 -4.51 -4.72
CA ALA A 87 11.98 -5.77 -5.48
C ALA A 87 12.68 -5.56 -6.82
N PRO A 88 13.49 -6.55 -7.26
CA PRO A 88 14.20 -6.48 -8.52
C PRO A 88 13.35 -6.84 -9.75
N PRO A 89 13.83 -6.48 -10.97
CA PRO A 89 13.13 -6.87 -12.17
C PRO A 89 13.17 -8.40 -12.28
N GLY A 90 12.17 -8.97 -12.94
CA GLY A 90 12.10 -10.42 -13.11
C GLY A 90 11.47 -10.73 -14.44
N GLY A 91 10.57 -11.70 -14.47
CA GLY A 91 9.75 -11.93 -15.68
C GLY A 91 9.21 -10.62 -16.20
N PHE A 92 8.76 -9.75 -15.30
CA PHE A 92 8.33 -8.38 -15.64
C PHE A 92 9.31 -7.40 -15.01
N ASP A 93 9.53 -6.33 -15.73
CA ASP A 93 10.19 -5.11 -15.19
C ASP A 93 9.18 -4.33 -14.35
N GLY A 94 9.64 -3.74 -13.26
CA GLY A 94 8.88 -2.68 -12.57
C GLY A 94 9.17 -1.35 -13.24
N PRO A 95 8.51 -0.26 -12.80
CA PRO A 95 8.63 1.04 -13.44
C PRO A 95 9.81 1.90 -12.96
N ASP A 96 10.61 1.39 -12.02
CA ASP A 96 11.63 2.22 -11.33
C ASP A 96 12.97 1.98 -12.04
N THR A 97 14.04 2.65 -11.62
CA THR A 97 15.42 2.52 -12.20
C THR A 97 15.79 1.05 -12.44
N ASP A 98 16.24 0.71 -13.65
CA ASP A 98 16.70 -0.64 -14.07
C ASP A 98 15.63 -1.70 -13.86
N GLY A 99 14.34 -1.34 -13.89
CA GLY A 99 13.23 -2.30 -13.85
C GLY A 99 12.95 -2.78 -12.42
N TYR A 100 13.56 -2.15 -11.43
CA TYR A 100 13.19 -2.34 -10.01
C TYR A 100 11.75 -1.83 -9.82
N ASP A 101 11.09 -2.36 -8.77
CA ASP A 101 9.75 -1.91 -8.35
C ASP A 101 9.93 -0.63 -7.53
N ASN A 102 8.87 0.18 -7.46
CA ASN A 102 8.83 1.39 -6.59
C ASN A 102 8.88 0.95 -5.13
N LEU A 103 9.56 1.74 -4.31
CA LEU A 103 9.34 1.74 -2.84
C LEU A 103 8.01 2.41 -2.50
N ALA A 104 7.42 2.00 -1.38
CA ALA A 104 6.18 2.57 -0.85
C ALA A 104 6.49 3.90 -0.15
N SER A 105 5.54 4.82 -0.21
CA SER A 105 5.44 5.96 0.71
C SER A 105 5.52 5.46 2.16
N ALA A 106 6.10 6.24 3.08
CA ALA A 106 5.99 6.00 4.54
C ALA A 106 4.61 6.42 5.09
N ILE A 107 3.78 7.20 4.35
CA ILE A 107 2.59 7.87 4.98
C ILE A 107 1.27 7.55 4.28
N GLY A 108 1.20 6.53 3.44
CA GLY A 108 -0.05 6.17 2.77
C GLY A 108 -1.00 5.39 3.68
N ALA A 109 -0.53 4.84 4.79
CA ALA A 109 -1.32 3.86 5.58
C ALA A 109 -1.25 4.17 7.06
N PRO A 110 -1.66 5.39 7.48
CA PRO A 110 -1.70 5.73 8.90
C PRO A 110 -2.77 4.89 9.63
N VAL A 111 -2.43 4.43 10.83
CA VAL A 111 -3.35 3.66 11.73
C VAL A 111 -3.07 4.14 13.14
N THR A 112 -3.88 3.71 14.09
CA THR A 112 -3.48 3.68 15.49
C THR A 112 -3.56 2.24 15.96
N LEU A 113 -2.64 1.85 16.82
CA LEU A 113 -2.65 0.59 17.59
C LEU A 113 -2.84 0.98 19.05
N ASN A 114 -4.02 0.64 19.55
CA ASN A 114 -4.50 1.01 20.91
C ASN A 114 -4.32 2.53 21.11
N GLY A 115 -4.69 3.36 20.15
CA GLY A 115 -4.65 4.83 20.28
C GLY A 115 -3.31 5.46 19.88
N GLN A 116 -2.29 4.66 19.63
CA GLN A 116 -0.92 5.14 19.31
C GLN A 116 -0.71 5.09 17.79
N LYS A 117 -0.30 6.21 17.19
CA LYS A 117 -0.13 6.26 15.72
C LYS A 117 0.98 5.33 15.24
N ALA A 118 0.76 4.72 14.08
CA ALA A 118 1.79 3.97 13.35
C ALA A 118 1.44 4.01 11.86
N TYR A 119 2.38 3.51 11.07
CA TYR A 119 2.34 3.58 9.59
C TYR A 119 2.51 2.17 9.02
N GLY A 120 1.56 1.81 8.16
CA GLY A 120 1.63 0.60 7.33
C GLY A 120 2.31 0.88 6.01
N VAL A 121 2.33 -0.14 5.16
CA VAL A 121 2.97 -0.10 3.83
C VAL A 121 1.87 -0.05 2.77
N PHE A 122 1.56 1.15 2.32
CA PHE A 122 0.56 1.38 1.24
C PHE A 122 1.28 1.22 -0.09
N MET A 123 0.84 0.24 -0.87
CA MET A 123 1.55 -0.17 -2.10
C MET A 123 0.63 0.10 -3.31
N SER A 124 1.03 1.09 -4.09
CA SER A 124 0.40 1.46 -5.38
C SER A 124 0.89 0.51 -6.48
N PRO A 125 0.16 0.40 -7.63
CA PRO A 125 0.65 -0.43 -8.74
C PRO A 125 2.09 -0.08 -9.13
N GLY A 126 2.96 -1.08 -9.20
CA GLY A 126 4.39 -0.86 -9.51
C GLY A 126 5.28 -0.91 -8.27
N THR A 127 4.69 -0.96 -7.08
CA THR A 127 5.43 -1.07 -5.80
C THR A 127 5.67 -2.56 -5.46
N GLY A 128 6.84 -2.89 -4.93
CA GLY A 128 7.15 -4.27 -4.52
C GLY A 128 8.39 -4.36 -3.65
N TYR A 129 8.39 -5.31 -2.73
CA TYR A 129 9.57 -5.68 -1.89
C TYR A 129 9.85 -7.19 -2.08
N ARG A 130 11.07 -7.60 -1.78
CA ARG A 130 11.47 -9.01 -2.03
C ARG A 130 12.70 -9.32 -1.19
N ASN A 131 12.93 -10.58 -0.87
CA ASN A 131 14.28 -11.04 -0.45
C ASN A 131 14.50 -12.36 -1.18
N ASN A 132 15.39 -12.40 -2.16
CA ASN A 132 15.63 -13.67 -2.91
C ASN A 132 16.76 -14.48 -2.25
N GLU A 133 17.26 -14.06 -1.09
CA GLU A 133 18.46 -14.64 -0.41
C GLU A 133 18.02 -15.06 0.99
N ALA A 134 16.82 -15.61 1.10
CA ALA A 134 16.16 -15.86 2.41
C ALA A 134 16.70 -17.15 3.03
N THR A 135 16.74 -17.20 4.35
CA THR A 135 17.29 -18.28 5.20
C THR A 135 16.17 -18.82 6.12
N GLY A 136 16.04 -20.14 6.23
CA GLY A 136 15.13 -20.79 7.20
C GLY A 136 13.72 -20.88 6.68
N THR A 137 13.42 -20.29 5.52
CA THR A 137 12.08 -20.35 4.91
C THR A 137 11.89 -21.76 4.39
N ALA A 138 10.65 -22.25 4.34
CA ALA A 138 10.35 -23.60 3.85
C ALA A 138 10.69 -23.69 2.37
N THR A 139 11.28 -24.81 1.94
CA THR A 139 11.54 -25.11 0.49
C THR A 139 10.95 -26.49 0.15
N GLY A 140 10.78 -26.77 -1.13
CA GLY A 140 10.16 -28.02 -1.58
C GLY A 140 8.79 -28.14 -0.97
N ASP A 141 8.54 -29.26 -0.30
CA ASP A 141 7.22 -29.64 0.23
C ASP A 141 7.23 -29.44 1.74
N GLU A 142 8.24 -28.74 2.26
CA GLU A 142 8.31 -28.51 3.73
C GLU A 142 7.11 -27.64 4.14
N ALA A 143 6.61 -27.92 5.34
CA ALA A 143 5.48 -27.23 5.96
C ALA A 143 5.88 -25.78 6.31
N GLU A 144 4.94 -24.86 6.11
CA GLU A 144 5.10 -23.45 6.58
C GLU A 144 3.72 -22.90 6.96
N GLY A 145 3.73 -21.94 7.86
CA GLY A 145 2.58 -21.04 8.01
C GLY A 145 2.97 -19.63 7.64
N MET A 146 1.95 -18.80 7.46
CA MET A 146 2.13 -17.35 7.32
C MET A 146 0.82 -16.66 7.71
N TYR A 147 0.91 -15.37 8.02
CA TYR A 147 -0.27 -14.49 8.14
C TYR A 147 0.17 -13.08 7.72
N ALA A 148 -0.82 -12.25 7.40
CA ALA A 148 -0.62 -10.81 7.18
C ALA A 148 -1.86 -10.13 7.68
N VAL A 149 -1.69 -8.94 8.25
CA VAL A 149 -2.84 -8.05 8.51
C VAL A 149 -2.79 -7.03 7.36
N LEU A 150 -3.84 -7.00 6.57
CA LEU A 150 -3.98 -6.14 5.36
C LEU A 150 -5.19 -5.24 5.47
N ASP A 151 -5.22 -4.23 4.60
CA ASP A 151 -6.37 -3.34 4.40
C ASP A 151 -7.31 -4.05 3.43
N GLY A 152 -8.45 -4.57 3.91
CA GLY A 152 -9.42 -5.29 3.10
C GLY A 152 -10.06 -4.41 2.03
N THR A 153 -9.90 -3.09 2.09
CA THR A 153 -10.58 -2.16 1.15
C THR A 153 -9.57 -1.59 0.16
N HIS A 154 -8.29 -1.92 0.28
CA HIS A 154 -7.25 -1.41 -0.65
C HIS A 154 -6.76 -2.57 -1.51
N TYR A 155 -7.21 -2.65 -2.76
CA TYR A 155 -6.95 -3.81 -3.63
C TYR A 155 -7.31 -3.45 -5.06
N ASN A 156 -6.91 -4.29 -6.01
CA ASN A 156 -7.40 -4.21 -7.40
C ASN A 156 -7.47 -5.65 -7.91
N ASP A 157 -7.62 -5.82 -9.22
CA ASP A 157 -7.82 -7.15 -9.84
C ASP A 157 -6.59 -7.51 -10.67
N ALA A 158 -5.52 -6.72 -10.62
CA ALA A 158 -4.28 -6.96 -11.40
C ALA A 158 -3.37 -7.87 -10.60
N CYS A 159 -2.57 -8.66 -11.28
CA CYS A 159 -1.63 -9.60 -10.63
C CYS A 159 -0.45 -8.81 -10.11
N CYS A 160 -0.05 -9.00 -8.86
CA CYS A 160 -0.69 -9.83 -7.85
C CYS A 160 -0.29 -9.23 -6.48
N PHE A 161 -1.25 -8.99 -5.59
CA PHE A 161 -0.91 -8.48 -4.23
C PHE A 161 -0.66 -9.68 -3.34
N ASP A 162 0.60 -10.10 -3.27
CA ASP A 162 1.01 -11.30 -2.51
C ASP A 162 1.94 -10.98 -1.34
N TYR A 163 1.89 -11.83 -0.33
CA TYR A 163 2.92 -11.92 0.73
C TYR A 163 3.20 -13.40 0.95
N GLY A 164 4.45 -13.79 0.76
CA GLY A 164 4.90 -15.15 1.16
C GLY A 164 5.97 -15.73 0.25
N ASN A 165 5.94 -17.03 0.11
CA ASN A 165 7.04 -17.85 -0.42
C ASN A 165 7.01 -17.76 -1.95
N ALA A 166 8.12 -17.42 -2.58
CA ALA A 166 8.22 -17.36 -4.05
C ALA A 166 9.58 -17.82 -4.56
N GLU A 167 9.82 -17.54 -5.83
CA GLU A 167 10.98 -18.03 -6.60
C GLU A 167 12.16 -17.10 -6.37
N THR A 168 13.35 -17.66 -6.21
CA THR A 168 14.60 -16.89 -6.00
C THR A 168 15.05 -16.18 -7.27
N SER A 169 14.58 -16.57 -8.44
CA SER A 169 14.97 -15.93 -9.72
C SER A 169 14.07 -14.73 -10.07
N SER A 170 12.96 -14.49 -9.34
CA SER A 170 11.92 -13.51 -9.72
C SER A 170 11.31 -13.87 -11.08
N THR A 171 11.27 -15.15 -11.43
CA THR A 171 10.63 -15.61 -12.69
C THR A 171 9.66 -16.75 -12.37
N ASP A 172 8.75 -17.02 -13.30
CA ASP A 172 7.79 -18.14 -13.22
C ASP A 172 8.54 -19.44 -13.54
N THR A 173 8.94 -20.18 -12.51
CA THR A 173 9.57 -21.52 -12.61
C THR A 173 8.53 -22.65 -12.43
N GLY A 174 7.23 -22.36 -12.50
CA GLY A 174 6.13 -23.34 -12.66
C GLY A 174 5.15 -23.45 -11.49
N ALA A 175 4.03 -24.11 -11.77
CA ALA A 175 3.08 -24.63 -10.76
C ALA A 175 3.87 -25.15 -9.55
N GLY A 176 3.54 -24.67 -8.35
CA GLY A 176 4.05 -25.25 -7.09
C GLY A 176 5.31 -24.58 -6.59
N HIS A 177 5.81 -23.58 -7.31
CA HIS A 177 7.05 -22.82 -6.98
C HIS A 177 6.72 -21.53 -6.19
N MET A 178 5.48 -21.40 -5.72
CA MET A 178 5.02 -20.27 -4.88
C MET A 178 4.05 -20.84 -3.84
N GLU A 179 4.00 -20.18 -2.70
CA GLU A 179 2.92 -20.33 -1.69
C GLU A 179 2.86 -19.00 -0.95
N ALA A 180 1.93 -18.13 -1.34
CA ALA A 180 1.81 -16.75 -0.81
C ALA A 180 0.34 -16.40 -0.66
N ILE A 181 0.03 -15.65 0.39
CA ILE A 181 -1.26 -14.95 0.56
C ILE A 181 -1.48 -14.08 -0.67
N TYR A 182 -2.69 -14.08 -1.19
CA TYR A 182 -3.14 -13.10 -2.21
C TYR A 182 -4.35 -12.38 -1.64
N LEU A 183 -4.44 -11.08 -1.87
CA LEU A 183 -5.69 -10.32 -1.56
C LEU A 183 -5.99 -9.39 -2.72
N GLY A 184 -7.18 -9.55 -3.29
CA GLY A 184 -7.68 -8.73 -4.40
C GLY A 184 -8.88 -9.38 -5.06
N ASN A 185 -9.35 -8.79 -6.17
CA ASN A 185 -10.55 -9.30 -6.87
C ASN A 185 -10.17 -9.70 -8.30
N SER A 186 -8.94 -10.14 -8.50
CA SER A 186 -8.57 -10.94 -9.69
C SER A 186 -9.57 -12.09 -9.83
N THR A 187 -10.07 -12.29 -11.05
CA THR A 187 -10.85 -13.51 -11.46
C THR A 187 -10.17 -14.19 -12.66
N THR A 188 -8.93 -13.86 -12.92
CA THR A 188 -8.15 -14.51 -13.98
C THR A 188 -7.99 -15.99 -13.68
N TRP A 189 -7.80 -16.36 -12.43
CA TRP A 189 -7.63 -17.77 -12.01
C TRP A 189 -8.75 -18.15 -11.03
N GLY A 190 -8.49 -18.13 -9.73
CA GLY A 190 -9.51 -18.40 -8.71
C GLY A 190 -10.29 -17.15 -8.34
N TYR A 191 -11.43 -17.36 -7.69
CA TYR A 191 -12.25 -16.32 -7.02
C TYR A 191 -13.26 -17.06 -6.12
N GLY A 192 -13.91 -16.31 -5.24
CA GLY A 192 -14.90 -16.86 -4.30
C GLY A 192 -16.27 -16.29 -4.56
N ALA A 193 -17.10 -16.32 -3.53
CA ALA A 193 -18.48 -15.80 -3.52
C ALA A 193 -18.45 -14.27 -3.56
N GLY A 194 -19.48 -13.68 -4.16
CA GLY A 194 -19.71 -12.23 -4.16
C GLY A 194 -18.78 -11.55 -5.14
N ASP A 195 -18.48 -10.29 -4.90
CA ASP A 195 -17.74 -9.40 -5.82
C ASP A 195 -16.27 -9.23 -5.38
N GLY A 196 -15.86 -9.88 -4.28
CA GLY A 196 -14.47 -9.80 -3.78
C GLY A 196 -14.27 -8.54 -2.93
N PRO A 197 -13.04 -8.24 -2.49
CA PRO A 197 -11.88 -9.06 -2.80
C PRO A 197 -11.91 -10.40 -2.07
N TRP A 198 -11.01 -11.31 -2.44
CA TRP A 198 -10.83 -12.60 -1.75
C TRP A 198 -9.41 -12.73 -1.21
N ILE A 199 -9.27 -13.51 -0.14
CA ILE A 199 -7.97 -14.12 0.24
C ILE A 199 -7.88 -15.40 -0.55
N MET A 200 -6.80 -15.51 -1.29
CA MET A 200 -6.46 -16.71 -2.07
C MET A 200 -4.99 -17.04 -1.83
N VAL A 201 -4.60 -18.22 -2.29
CA VAL A 201 -3.21 -18.70 -2.20
C VAL A 201 -2.69 -18.76 -3.63
N ASP A 202 -1.61 -18.02 -3.83
CA ASP A 202 -0.81 -18.02 -5.06
C ASP A 202 0.17 -19.19 -4.96
N MET A 203 -0.07 -20.21 -5.77
CA MET A 203 0.82 -21.40 -5.89
C MET A 203 1.56 -21.36 -7.23
N GLU A 204 1.42 -20.23 -7.95
CA GLU A 204 2.01 -19.96 -9.29
C GLU A 204 1.13 -20.67 -10.34
N ASN A 205 0.97 -19.99 -11.48
CA ASN A 205 0.01 -20.31 -12.57
C ASN A 205 -1.37 -20.55 -11.96
N ASN A 206 -1.66 -19.89 -10.84
CA ASN A 206 -3.00 -19.99 -10.21
C ASN A 206 -3.01 -19.24 -8.88
N LEU A 207 -4.07 -18.46 -8.68
CA LEU A 207 -4.58 -18.10 -7.36
C LEU A 207 -5.69 -19.10 -7.06
N PHE A 208 -5.65 -19.74 -5.90
CA PHE A 208 -6.68 -20.71 -5.46
C PHE A 208 -7.49 -20.12 -4.30
N SER A 209 -8.80 -20.11 -4.50
CA SER A 209 -9.85 -19.82 -3.49
C SER A 209 -10.23 -21.13 -2.80
N GLY A 210 -9.55 -22.23 -3.16
CA GLY A 210 -9.87 -23.56 -2.61
C GLY A 210 -9.35 -24.68 -3.51
N ALA A 211 -9.86 -25.90 -3.32
CA ALA A 211 -9.46 -27.13 -4.06
C ALA A 211 -9.52 -26.96 -5.59
N ASP A 212 -10.54 -26.30 -6.14
CA ASP A 212 -10.75 -26.22 -7.62
C ASP A 212 -10.12 -24.94 -8.17
N GLU A 213 -9.68 -25.02 -9.43
CA GLU A 213 -9.40 -23.83 -10.25
C GLU A 213 -10.69 -23.02 -10.32
N GLY A 214 -10.60 -21.70 -10.41
CA GLY A 214 -11.78 -20.84 -10.58
C GLY A 214 -12.56 -20.67 -9.29
N TYR A 215 -13.90 -20.75 -9.41
CA TYR A 215 -14.91 -20.51 -8.36
C TYR A 215 -14.78 -21.57 -7.28
N ASN A 216 -14.68 -21.12 -6.02
CA ASN A 216 -14.95 -21.96 -4.81
C ASN A 216 -15.89 -21.17 -3.89
N SER A 217 -17.06 -21.74 -3.61
CA SER A 217 -18.20 -21.12 -2.92
C SER A 217 -17.80 -20.72 -1.50
N GLY A 218 -16.88 -21.45 -0.88
CA GLY A 218 -16.57 -21.34 0.55
C GLY A 218 -15.59 -20.22 0.88
N ASP A 219 -15.11 -19.49 -0.13
CA ASP A 219 -14.18 -18.36 0.06
C ASP A 219 -15.01 -17.09 -0.04
N PRO A 220 -15.35 -16.45 1.09
CA PRO A 220 -16.20 -15.25 1.05
C PRO A 220 -15.43 -14.01 0.59
N SER A 221 -16.19 -13.05 0.08
CA SER A 221 -15.79 -11.64 -0.10
C SER A 221 -15.39 -11.08 1.26
N ILE A 222 -14.30 -10.34 1.33
CA ILE A 222 -13.78 -9.73 2.57
C ILE A 222 -14.52 -8.41 2.80
N SER A 223 -15.12 -8.19 3.95
CA SER A 223 -15.80 -6.91 4.30
C SER A 223 -14.80 -6.00 4.99
N TYR A 224 -13.98 -6.58 5.87
CA TYR A 224 -13.27 -5.89 6.98
C TYR A 224 -12.23 -4.90 6.47
N ARG A 225 -12.18 -3.74 7.10
CA ARG A 225 -11.16 -2.70 6.86
C ARG A 225 -9.76 -3.25 7.22
N PHE A 226 -9.66 -4.01 8.29
CA PHE A 226 -8.44 -4.78 8.66
C PHE A 226 -8.72 -6.27 8.66
N VAL A 227 -7.99 -6.99 7.80
CA VAL A 227 -8.23 -8.44 7.57
C VAL A 227 -6.98 -9.18 8.02
N THR A 228 -7.16 -10.19 8.84
CA THR A 228 -6.11 -11.17 9.13
C THR A 228 -6.29 -12.28 8.11
N ALA A 229 -5.27 -12.48 7.30
CA ALA A 229 -5.17 -13.61 6.37
C ALA A 229 -4.11 -14.57 6.89
N ALA A 230 -4.51 -15.80 7.21
CA ALA A 230 -3.59 -16.83 7.74
C ALA A 230 -3.63 -18.00 6.77
N VAL A 231 -2.48 -18.32 6.19
CA VAL A 231 -2.34 -19.41 5.18
C VAL A 231 -1.26 -20.38 5.68
N LYS A 232 -1.44 -21.67 5.43
CA LYS A 232 -0.42 -22.67 5.79
C LYS A 232 -0.48 -23.77 4.75
N GLY A 233 0.61 -24.51 4.64
CA GLY A 233 0.84 -25.50 3.58
C GLY A 233 1.79 -26.55 4.10
N GLY A 234 1.48 -27.81 3.84
CA GLY A 234 2.38 -28.95 4.11
C GLY A 234 2.19 -29.98 3.01
N ALA A 235 2.57 -31.22 3.33
CA ALA A 235 2.54 -32.39 2.42
C ALA A 235 1.10 -32.62 1.98
N ASP A 236 0.75 -32.17 0.78
CA ASP A 236 -0.61 -32.28 0.20
C ASP A 236 -1.69 -31.79 1.20
N LYS A 237 -1.40 -30.79 2.05
CA LYS A 237 -2.43 -30.02 2.80
C LYS A 237 -2.08 -28.52 2.80
N TRP A 238 -3.11 -27.69 2.76
CA TRP A 238 -3.00 -26.21 2.86
C TRP A 238 -4.33 -25.66 3.37
N ALA A 239 -4.32 -24.46 3.94
CA ALA A 239 -5.55 -23.85 4.45
C ALA A 239 -5.50 -22.33 4.18
N ILE A 240 -6.69 -21.75 4.05
CA ILE A 240 -6.96 -20.29 4.13
C ILE A 240 -7.84 -20.06 5.36
N ARG A 241 -7.39 -19.20 6.26
CA ARG A 241 -8.18 -18.66 7.38
C ARG A 241 -8.20 -17.13 7.26
N GLY A 242 -9.34 -16.52 7.60
CA GLY A 242 -9.69 -15.09 7.47
C GLY A 242 -10.28 -14.63 8.79
N ALA A 243 -9.96 -13.45 9.28
CA ALA A 243 -10.65 -12.80 10.41
C ALA A 243 -10.69 -11.30 10.18
N ASN A 244 -11.63 -10.64 10.86
CA ASN A 244 -11.57 -9.20 11.15
C ASN A 244 -10.40 -9.01 12.14
N ALA A 245 -9.32 -8.35 11.70
CA ALA A 245 -8.14 -8.12 12.57
C ALA A 245 -8.54 -7.26 13.78
N ALA A 246 -9.68 -6.56 13.74
CA ALA A 246 -10.15 -5.67 14.82
C ALA A 246 -11.09 -6.43 15.77
N SER A 247 -11.61 -7.59 15.40
CA SER A 247 -12.62 -8.25 16.25
C SER A 247 -12.80 -9.73 15.90
N GLY A 248 -12.84 -10.56 16.92
CA GLY A 248 -13.36 -11.93 16.79
C GLY A 248 -12.27 -12.87 16.35
N SER A 249 -12.67 -13.97 15.73
CA SER A 249 -11.84 -15.18 15.47
C SER A 249 -11.57 -15.37 14.00
N LEU A 250 -10.62 -16.26 13.72
CA LEU A 250 -10.37 -16.81 12.38
C LEU A 250 -11.47 -17.82 12.03
N SER A 251 -11.99 -17.74 10.82
CA SER A 251 -12.79 -18.82 10.20
C SER A 251 -11.94 -19.49 9.11
N THR A 252 -12.18 -20.77 8.90
CA THR A 252 -11.45 -21.60 7.91
C THR A 252 -12.25 -21.56 6.61
N TYR A 253 -11.68 -20.99 5.54
CA TYR A 253 -12.39 -20.90 4.24
C TYR A 253 -11.91 -22.04 3.34
N TYR A 254 -10.73 -22.58 3.62
CA TYR A 254 -10.26 -23.79 2.92
C TYR A 254 -9.36 -24.54 3.88
N SER A 255 -9.39 -25.87 3.81
CA SER A 255 -8.43 -26.77 4.49
C SER A 255 -8.57 -28.16 3.86
N GLY A 256 -7.48 -28.66 3.30
CA GLY A 256 -7.37 -30.02 2.77
C GLY A 256 -6.39 -30.09 1.62
N ALA A 257 -6.66 -31.02 0.70
CA ALA A 257 -5.66 -31.55 -0.26
C ALA A 257 -5.24 -30.39 -1.16
N ARG A 258 -4.04 -30.50 -1.76
CA ARG A 258 -3.57 -29.63 -2.86
C ARG A 258 -4.57 -29.69 -4.01
N PRO A 259 -4.75 -28.59 -4.77
CA PRO A 259 -5.64 -28.63 -5.92
C PRO A 259 -5.13 -29.77 -6.81
N ASP A 260 -6.01 -30.68 -7.23
CA ASP A 260 -5.61 -31.95 -7.91
C ASP A 260 -5.39 -31.53 -9.39
N TYR A 261 -4.42 -30.66 -9.66
CA TYR A 261 -3.94 -30.26 -11.03
C TYR A 261 -2.41 -30.41 -11.09
N SER A 262 -1.88 -30.51 -12.31
CA SER A 262 -0.44 -30.76 -12.60
C SER A 262 0.42 -29.73 -11.87
N GLY A 263 1.23 -30.20 -10.92
CA GLY A 263 2.42 -29.51 -10.40
C GLY A 263 2.22 -28.93 -9.01
N TYR A 264 1.09 -29.23 -8.33
CA TYR A 264 0.80 -28.66 -6.99
C TYR A 264 1.02 -29.67 -5.89
N ASN A 265 1.43 -30.91 -6.20
CA ASN A 265 1.76 -31.90 -5.14
C ASN A 265 2.75 -32.91 -5.69
N PRO A 266 3.93 -33.10 -5.07
CA PRO A 266 4.41 -32.21 -3.99
C PRO A 266 4.69 -30.77 -4.47
N MET A 267 4.86 -29.85 -3.52
CA MET A 267 5.17 -28.43 -3.86
C MET A 267 6.67 -28.32 -4.11
N SER A 268 7.08 -27.25 -4.76
CA SER A 268 8.47 -26.95 -5.20
C SER A 268 8.86 -25.55 -4.70
N LYS A 269 8.63 -25.28 -3.43
CA LYS A 269 8.86 -23.93 -2.86
C LYS A 269 10.35 -23.60 -2.84
N GLU A 270 10.67 -22.35 -3.13
CA GLU A 270 12.09 -21.95 -3.27
C GLU A 270 12.56 -21.13 -2.09
N GLY A 271 11.67 -20.63 -1.20
CA GLY A 271 12.12 -19.98 0.05
C GLY A 271 12.34 -18.47 -0.08
N ALA A 272 12.17 -17.88 -1.26
CA ALA A 272 12.22 -16.40 -1.43
C ALA A 272 10.98 -15.77 -0.78
N ILE A 273 11.06 -14.49 -0.42
CA ILE A 273 9.90 -13.75 0.15
C ILE A 273 9.55 -12.57 -0.75
N ILE A 274 8.26 -12.43 -1.10
CA ILE A 274 7.71 -11.31 -1.89
C ILE A 274 6.66 -10.57 -1.04
N LEU A 275 6.52 -9.28 -1.32
CA LEU A 275 5.43 -8.44 -0.78
C LEU A 275 4.95 -7.47 -1.87
N GLY A 276 3.68 -7.62 -2.27
CA GLY A 276 2.93 -6.67 -3.09
C GLY A 276 2.96 -6.99 -4.56
N ILE A 277 3.66 -8.06 -4.95
CA ILE A 277 4.00 -8.43 -6.35
C ILE A 277 3.76 -9.93 -6.54
N GLY A 278 3.62 -10.35 -7.78
CA GLY A 278 3.67 -11.80 -8.13
C GLY A 278 5.09 -12.34 -8.07
N GLY A 279 5.24 -13.68 -8.11
CA GLY A 279 6.55 -14.37 -8.07
C GLY A 279 7.43 -13.95 -9.26
N ASP A 280 6.80 -13.70 -10.40
CA ASP A 280 7.48 -13.32 -11.67
C ASP A 280 7.64 -11.80 -11.77
N ASN A 281 7.48 -11.10 -10.66
CA ASN A 281 7.47 -9.63 -10.53
C ASN A 281 6.28 -8.98 -11.24
N SER A 282 5.17 -9.68 -11.45
CA SER A 282 3.90 -9.01 -11.86
C SER A 282 3.69 -7.85 -10.90
N ASN A 283 3.55 -6.62 -11.37
CA ASN A 283 3.57 -5.44 -10.46
C ASN A 283 2.37 -4.54 -10.75
N GLY A 284 1.21 -5.10 -11.09
CA GLY A 284 -0.02 -4.34 -11.36
C GLY A 284 -0.89 -4.15 -10.12
N ALA A 285 -0.58 -4.84 -9.01
CA ALA A 285 -1.50 -4.91 -7.84
C ALA A 285 -1.30 -3.74 -6.90
N GLN A 286 -2.31 -3.51 -6.10
CA GLN A 286 -2.22 -2.55 -4.98
C GLN A 286 -2.76 -3.23 -3.74
N GLY A 287 -2.34 -2.74 -2.59
CA GLY A 287 -2.81 -3.23 -1.28
C GLY A 287 -1.98 -2.63 -0.17
N THR A 288 -2.35 -2.91 1.07
CA THR A 288 -1.64 -2.36 2.24
C THR A 288 -1.31 -3.52 3.17
N PHE A 289 -0.04 -3.53 3.63
CA PHE A 289 0.53 -4.50 4.56
C PHE A 289 0.85 -3.78 5.86
N TYR A 290 0.39 -4.31 7.00
CA TYR A 290 0.71 -3.76 8.34
C TYR A 290 1.73 -4.62 9.10
N GLU A 291 1.53 -5.93 9.08
CA GLU A 291 2.40 -6.91 9.77
C GLU A 291 2.20 -8.28 9.14
N GLY A 292 3.17 -9.15 9.28
CA GLY A 292 3.01 -10.51 8.80
C GLY A 292 4.25 -11.30 9.15
N VAL A 293 4.14 -12.62 9.04
CA VAL A 293 5.27 -13.53 9.35
C VAL A 293 5.18 -14.71 8.39
N MET A 294 6.30 -15.43 8.30
CA MET A 294 6.37 -16.80 7.74
C MET A 294 7.01 -17.69 8.80
N THR A 295 6.52 -18.91 8.90
CA THR A 295 6.94 -19.88 9.94
C THR A 295 7.63 -21.08 9.27
N SER A 296 8.38 -21.79 10.10
CA SER A 296 8.86 -23.19 9.88
C SER A 296 7.81 -24.13 10.47
N GLY A 297 7.29 -25.06 9.68
CA GLY A 297 6.28 -26.03 10.13
C GLY A 297 4.87 -25.51 9.96
N TYR A 298 3.89 -26.38 10.22
CA TYR A 298 2.47 -26.20 9.89
C TYR A 298 1.75 -25.79 11.16
N PRO A 299 1.41 -24.50 11.35
CA PRO A 299 0.84 -24.09 12.64
C PRO A 299 -0.50 -24.77 12.89
N SER A 300 -0.77 -25.13 14.14
CA SER A 300 -2.10 -25.63 14.57
C SER A 300 -3.10 -24.48 14.47
N ASP A 301 -4.38 -24.82 14.35
CA ASP A 301 -5.48 -23.83 14.49
C ASP A 301 -5.31 -23.05 15.79
N ASP A 302 -4.89 -23.72 16.87
CA ASP A 302 -4.81 -23.14 18.23
C ASP A 302 -3.76 -22.03 18.24
N THR A 303 -2.59 -22.28 17.67
CA THR A 303 -1.51 -21.29 17.57
C THR A 303 -2.04 -20.05 16.84
N GLU A 304 -2.69 -20.24 15.69
CA GLU A 304 -3.17 -19.11 14.86
C GLU A 304 -4.27 -18.38 15.60
N ASN A 305 -5.12 -19.11 16.34
CA ASN A 305 -6.24 -18.51 17.12
C ASN A 305 -5.62 -17.55 18.15
N SER A 306 -4.54 -17.93 18.79
CA SER A 306 -3.84 -17.13 19.81
C SER A 306 -3.19 -15.92 19.13
N VAL A 307 -2.58 -16.11 17.97
CA VAL A 307 -2.05 -14.97 17.14
C VAL A 307 -3.19 -13.97 16.86
N GLN A 308 -4.35 -14.44 16.47
CA GLN A 308 -5.51 -13.57 16.12
C GLN A 308 -5.95 -12.83 17.37
N GLU A 309 -5.98 -13.50 18.52
CA GLU A 309 -6.40 -12.83 19.77
C GLU A 309 -5.42 -11.68 20.07
N ASN A 310 -4.13 -11.91 19.83
CA ASN A 310 -3.08 -10.90 20.05
C ASN A 310 -3.28 -9.75 19.07
N ILE A 311 -3.56 -10.05 17.80
CA ILE A 311 -3.83 -9.01 16.75
C ILE A 311 -5.01 -8.13 17.18
N VAL A 312 -6.11 -8.74 17.56
CA VAL A 312 -7.30 -8.02 18.11
C VAL A 312 -6.87 -7.12 19.27
N ALA A 313 -6.04 -7.63 20.21
CA ALA A 313 -5.65 -6.84 21.40
C ALA A 313 -4.72 -5.70 20.96
N ALA A 314 -4.03 -5.79 19.84
CA ALA A 314 -3.24 -4.64 19.30
C ALA A 314 -4.15 -3.47 18.88
N LYS A 315 -5.44 -3.71 18.62
CA LYS A 315 -6.49 -2.67 18.40
C LYS A 315 -6.13 -1.72 17.22
N TYR A 316 -6.05 -2.28 16.03
CA TYR A 316 -5.97 -1.58 14.73
C TYR A 316 -7.24 -0.74 14.55
N VAL A 317 -7.02 0.54 14.30
CA VAL A 317 -8.09 1.52 13.92
C VAL A 317 -7.50 2.41 12.81
N VAL A 318 -8.34 2.81 11.86
CA VAL A 318 -7.95 3.74 10.78
C VAL A 318 -7.37 5.01 11.41
N GLY A 319 -6.24 5.46 10.90
CA GLY A 319 -5.62 6.74 11.31
C GLY A 319 -6.01 7.89 10.38
N SER A 320 -5.61 9.08 10.72
CA SER A 320 -5.88 10.30 9.93
C SER A 320 -4.92 10.40 8.74
N LEU A 321 -5.47 10.56 7.55
CA LEU A 321 -4.71 10.74 6.27
C LEU A 321 -4.42 12.22 6.01
N VAL A 322 -4.94 13.12 6.83
CA VAL A 322 -5.05 14.57 6.54
C VAL A 322 -4.27 15.36 7.58
N SER A 323 -3.54 16.35 7.13
CA SER A 323 -2.99 17.39 8.04
C SER A 323 -3.04 18.75 7.36
N GLY A 324 -2.71 19.79 8.12
CA GLY A 324 -2.61 21.14 7.56
C GLY A 324 -3.99 21.76 7.47
N PRO A 325 -4.13 22.91 6.80
CA PRO A 325 -5.40 23.62 6.76
C PRO A 325 -6.62 22.80 6.35
N SER A 326 -6.52 22.01 5.30
CA SER A 326 -7.70 21.16 4.87
C SER A 326 -8.99 21.98 4.53
N PHE A 327 -10.10 21.29 4.31
CA PHE A 327 -11.26 21.76 3.53
C PHE A 327 -12.54 21.23 4.14
N THR A 328 -13.68 21.78 3.75
CA THR A 328 -15.03 21.22 4.05
C THR A 328 -15.73 20.93 2.73
N SER A 329 -16.53 19.89 2.68
CA SER A 329 -17.32 19.53 1.47
C SER A 329 -18.23 20.72 1.12
N GLY A 330 -18.14 21.23 -0.11
CA GLY A 330 -19.02 22.32 -0.60
C GLY A 330 -18.30 23.65 -0.66
N GLU A 331 -17.16 23.79 0.01
CA GLU A 331 -16.27 24.97 -0.07
C GLU A 331 -15.77 25.14 -1.51
N VAL A 332 -15.65 26.38 -1.99
CA VAL A 332 -15.08 26.70 -3.32
C VAL A 332 -13.77 27.43 -3.10
N VAL A 333 -12.70 27.04 -3.79
CA VAL A 333 -11.37 27.61 -3.48
C VAL A 333 -10.65 27.91 -4.79
N SER A 334 -9.66 28.78 -4.69
CA SER A 334 -8.56 28.87 -5.67
C SER A 334 -7.27 28.49 -4.94
N LEU A 335 -6.37 27.82 -5.65
CA LEU A 335 -5.10 27.26 -5.10
C LEU A 335 -3.97 28.04 -5.75
N ARG A 336 -3.29 28.89 -4.98
CA ARG A 336 -2.21 29.75 -5.50
C ARG A 336 -0.89 29.01 -5.39
N VAL A 337 -0.09 29.10 -6.45
CA VAL A 337 1.34 28.70 -6.56
C VAL A 337 2.19 29.52 -5.57
N THR A 338 3.17 28.88 -4.90
CA THR A 338 4.01 29.51 -3.86
C THR A 338 5.45 29.50 -4.32
N THR A 339 5.75 28.82 -5.41
CA THR A 339 7.11 28.76 -5.94
C THR A 339 7.55 30.16 -6.31
N PRO A 340 8.67 30.70 -5.74
CA PRO A 340 9.13 32.05 -6.09
C PRO A 340 9.27 32.19 -7.60
N GLY A 341 8.73 33.28 -8.14
CA GLY A 341 8.74 33.53 -9.59
C GLY A 341 7.44 33.09 -10.26
N TYR A 342 6.52 32.46 -9.53
CA TYR A 342 5.25 31.93 -10.09
C TYR A 342 4.12 32.16 -9.11
N THR A 343 4.34 33.04 -8.14
CA THR A 343 3.43 33.28 -6.99
C THR A 343 2.15 34.02 -7.42
N THR A 344 2.01 34.48 -8.67
CA THR A 344 0.72 35.07 -9.15
C THR A 344 -0.10 34.03 -9.93
N ARG A 345 0.42 32.80 -10.10
CA ARG A 345 -0.28 31.72 -10.82
C ARG A 345 -1.15 30.91 -9.87
N TYR A 346 -2.23 30.39 -10.41
CA TYR A 346 -3.23 29.55 -9.72
C TYR A 346 -3.46 28.29 -10.53
N ILE A 347 -3.87 27.21 -9.86
CA ILE A 347 -4.26 25.95 -10.54
C ILE A 347 -5.54 26.24 -11.33
N ALA A 348 -5.46 26.04 -12.63
CA ALA A 348 -6.54 26.26 -13.59
C ALA A 348 -6.58 25.05 -14.50
N HIS A 349 -7.41 25.16 -15.53
CA HIS A 349 -7.41 24.16 -16.62
C HIS A 349 -7.79 24.83 -17.95
N THR A 350 -7.28 24.25 -19.02
CA THR A 350 -7.69 24.51 -20.41
C THR A 350 -8.21 23.17 -20.92
N ASP A 351 -9.53 23.01 -20.90
CA ASP A 351 -10.22 21.75 -21.23
C ASP A 351 -9.69 20.71 -20.24
N THR A 352 -9.19 19.57 -20.70
CA THR A 352 -8.78 18.48 -19.78
C THR A 352 -7.39 18.75 -19.19
N THR A 353 -6.62 19.72 -19.69
CA THR A 353 -5.25 19.98 -19.23
C THR A 353 -5.28 20.86 -17.97
N VAL A 354 -4.89 20.28 -16.83
CA VAL A 354 -4.79 21.09 -15.58
C VAL A 354 -3.44 21.79 -15.62
N ASN A 355 -3.42 23.10 -15.34
CA ASN A 355 -2.20 23.91 -15.53
C ASN A 355 -2.14 24.99 -14.47
N THR A 356 -1.12 25.84 -14.52
CA THR A 356 -1.13 27.09 -13.73
C THR A 356 -1.16 28.27 -14.71
N GLN A 357 -1.84 29.33 -14.30
CA GLN A 357 -2.07 30.56 -15.08
C GLN A 357 -2.11 31.74 -14.10
N VAL A 358 -1.64 32.90 -14.56
CA VAL A 358 -1.85 34.19 -13.82
C VAL A 358 -3.37 34.43 -13.78
N VAL A 359 -3.93 34.58 -12.60
CA VAL A 359 -5.36 34.94 -12.42
C VAL A 359 -5.39 36.08 -11.42
N ASP A 360 -6.09 37.16 -11.78
CA ASP A 360 -6.36 38.32 -10.87
C ASP A 360 -7.77 38.85 -11.18
N ASP A 361 -8.18 39.92 -10.53
CA ASP A 361 -9.57 40.44 -10.64
C ASP A 361 -9.83 40.93 -12.08
N ASP A 362 -8.81 41.15 -12.93
CA ASP A 362 -8.98 41.52 -14.38
C ASP A 362 -9.02 40.31 -15.33
N SER A 363 -8.84 39.08 -14.87
CA SER A 363 -8.91 37.91 -15.77
C SER A 363 -10.36 37.75 -16.25
N SER A 364 -10.58 37.13 -17.40
CA SER A 364 -11.94 36.77 -17.90
C SER A 364 -12.61 35.92 -16.82
N THR A 365 -13.93 36.00 -16.77
CA THR A 365 -14.78 35.16 -15.90
C THR A 365 -14.53 33.70 -16.28
N THR A 366 -14.26 33.45 -17.55
CA THR A 366 -14.00 32.08 -18.02
C THR A 366 -12.86 31.49 -17.20
N LEU A 367 -11.74 32.21 -17.17
CA LEU A 367 -10.53 31.73 -16.50
C LEU A 367 -10.76 31.68 -14.98
N LYS A 368 -11.50 32.62 -14.42
CA LYS A 368 -11.82 32.69 -12.99
C LYS A 368 -12.54 31.40 -12.57
N GLU A 369 -13.48 30.93 -13.39
CA GLU A 369 -14.21 29.65 -13.16
C GLU A 369 -13.22 28.48 -13.30
N GLU A 370 -12.31 28.55 -14.26
CA GLU A 370 -11.32 27.47 -14.50
C GLU A 370 -10.32 27.40 -13.35
N ALA A 371 -10.19 28.48 -12.57
CA ALA A 371 -9.22 28.59 -11.46
C ALA A 371 -9.95 28.48 -10.13
N SER A 372 -11.19 27.98 -10.16
CA SER A 372 -12.09 27.81 -8.99
C SER A 372 -12.52 26.34 -8.91
N TRP A 373 -12.53 25.78 -7.69
CA TRP A 373 -12.73 24.33 -7.47
C TRP A 373 -13.67 24.12 -6.29
N THR A 374 -14.75 23.38 -6.50
CA THR A 374 -15.63 22.92 -5.40
C THR A 374 -14.95 21.72 -4.74
N VAL A 375 -14.66 21.84 -3.46
CA VAL A 375 -14.08 20.70 -2.68
C VAL A 375 -15.20 19.78 -2.23
N VAL A 376 -15.08 18.50 -2.53
CA VAL A 376 -16.09 17.51 -2.07
C VAL A 376 -15.41 16.34 -1.38
N THR A 377 -16.21 15.61 -0.60
CA THR A 377 -15.83 14.34 0.03
C THR A 377 -15.05 13.49 -0.99
N GLY A 378 -13.88 13.00 -0.61
CA GLY A 378 -13.06 12.20 -1.52
C GLY A 378 -13.89 11.06 -2.07
N LEU A 379 -13.82 10.84 -3.39
CA LEU A 379 -14.63 9.84 -4.09
C LEU A 379 -14.23 8.41 -3.67
N ALA A 380 -12.99 8.18 -3.28
CA ALA A 380 -12.47 6.84 -2.90
C ALA A 380 -12.16 6.77 -1.40
N ASN A 381 -12.19 7.90 -0.71
CA ASN A 381 -11.85 7.91 0.73
C ASN A 381 -12.49 9.17 1.34
N SER A 382 -13.32 8.97 2.35
CA SER A 382 -14.23 10.02 2.87
C SER A 382 -13.45 10.92 3.84
N GLN A 383 -12.20 10.61 4.19
CA GLN A 383 -11.34 11.56 4.96
C GLN A 383 -10.70 12.57 4.01
N CYS A 384 -10.45 12.17 2.79
CA CYS A 384 -9.70 12.97 1.81
C CYS A 384 -10.73 13.74 0.96
N PHE A 385 -10.28 14.31 -0.15
CA PHE A 385 -11.12 15.24 -0.93
C PHE A 385 -10.97 14.96 -2.41
N SER A 386 -11.97 15.39 -3.16
CA SER A 386 -11.95 15.47 -4.64
C SER A 386 -12.26 16.94 -5.06
N PHE A 387 -11.66 17.37 -6.15
CA PHE A 387 -11.64 18.79 -6.61
C PHE A 387 -12.49 18.89 -7.88
N GLU A 388 -13.67 19.44 -7.71
CA GLU A 388 -14.66 19.52 -8.82
C GLU A 388 -14.56 20.87 -9.53
N SER A 389 -14.52 20.85 -10.86
CA SER A 389 -14.45 22.09 -11.67
C SER A 389 -15.70 22.93 -11.43
N VAL A 390 -15.53 24.24 -11.27
CA VAL A 390 -16.67 25.19 -11.17
C VAL A 390 -17.30 25.31 -12.57
N ASP A 391 -16.51 25.49 -13.64
CA ASP A 391 -17.06 25.68 -15.01
C ASP A 391 -17.57 24.37 -15.55
N THR A 392 -16.98 23.22 -15.15
CA THR A 392 -17.48 21.89 -15.59
C THR A 392 -17.89 21.01 -14.41
N PRO A 393 -19.12 21.16 -13.89
CA PRO A 393 -19.59 20.34 -12.77
C PRO A 393 -19.66 18.88 -13.19
N GLY A 394 -19.36 18.01 -12.23
CA GLY A 394 -19.32 16.56 -12.45
C GLY A 394 -17.98 16.12 -13.03
N SER A 395 -17.08 17.07 -13.28
CA SER A 395 -15.70 16.74 -13.71
C SER A 395 -14.73 17.04 -12.56
N TYR A 396 -13.72 16.19 -12.36
CA TYR A 396 -12.76 16.34 -11.24
C TYR A 396 -11.32 16.22 -11.70
N ILE A 397 -10.44 16.80 -10.92
CA ILE A 397 -8.98 16.61 -11.11
C ILE A 397 -8.68 15.15 -10.75
N ARG A 398 -8.05 14.46 -11.68
CA ARG A 398 -7.66 13.03 -11.56
C ARG A 398 -6.30 12.90 -12.21
N HIS A 399 -5.50 11.93 -11.76
CA HIS A 399 -4.20 11.65 -12.37
C HIS A 399 -4.44 10.52 -13.36
N TYR A 400 -3.65 10.56 -14.42
CA TYR A 400 -3.66 9.62 -15.56
C TYR A 400 -2.29 9.70 -16.21
N ASN A 401 -1.55 8.59 -16.27
CA ASN A 401 -0.09 8.63 -16.58
C ASN A 401 0.59 9.72 -15.74
N PHE A 402 0.14 9.94 -14.50
CA PHE A 402 0.76 10.88 -13.54
C PHE A 402 0.68 12.35 -14.00
N GLU A 403 -0.18 12.63 -14.98
CA GLU A 403 -0.58 14.01 -15.32
C GLU A 403 -1.95 14.28 -14.73
N LEU A 404 -2.20 15.50 -14.24
CA LEU A 404 -3.53 15.87 -13.70
C LEU A 404 -4.40 16.35 -14.86
N LEU A 405 -5.56 15.72 -14.97
CA LEU A 405 -6.54 15.96 -16.04
C LEU A 405 -7.85 16.32 -15.36
N LEU A 406 -8.68 17.11 -16.04
CA LEU A 406 -10.08 17.34 -15.63
C LEU A 406 -10.99 16.41 -16.43
N ASN A 407 -11.53 15.37 -15.80
CA ASN A 407 -12.32 14.32 -16.47
C ASN A 407 -13.64 14.17 -15.74
N ALA A 408 -14.67 13.71 -16.47
CA ALA A 408 -15.99 13.44 -15.87
C ALA A 408 -15.89 12.17 -15.01
N ASN A 409 -16.44 12.26 -13.82
CA ASN A 409 -16.66 11.10 -12.93
C ASN A 409 -17.50 10.10 -13.70
N ASP A 410 -16.95 8.93 -14.00
CA ASP A 410 -17.66 7.86 -14.73
C ASP A 410 -18.18 6.80 -13.74
N GLY A 411 -18.24 7.10 -12.44
CA GLY A 411 -18.74 6.21 -11.38
C GLY A 411 -17.80 5.05 -11.04
N THR A 412 -16.69 4.85 -11.73
CA THR A 412 -15.83 3.66 -11.54
C THR A 412 -14.87 3.78 -10.34
N LYS A 413 -14.42 2.64 -9.83
CA LYS A 413 -13.51 2.56 -8.67
C LYS A 413 -12.22 3.29 -9.06
N GLN A 414 -11.77 3.07 -10.28
CA GLN A 414 -10.47 3.56 -10.78
C GLN A 414 -10.54 5.09 -10.84
N PHE A 415 -11.63 5.64 -11.33
CA PHE A 415 -11.74 7.11 -11.43
C PHE A 415 -11.67 7.68 -10.02
N HIS A 416 -12.50 7.14 -9.12
CA HIS A 416 -12.59 7.57 -7.70
C HIS A 416 -11.18 7.62 -7.09
N GLU A 417 -10.40 6.55 -7.27
CA GLU A 417 -9.05 6.43 -6.66
C GLU A 417 -8.14 7.50 -7.28
N ASP A 418 -8.23 7.66 -8.60
CA ASP A 418 -7.36 8.59 -9.36
C ASP A 418 -7.72 10.05 -9.05
N ALA A 419 -8.88 10.33 -8.46
CA ALA A 419 -9.43 11.69 -8.21
C ALA A 419 -9.47 11.99 -6.73
N THR A 420 -8.79 11.18 -5.91
CA THR A 420 -8.86 11.39 -4.43
C THR A 420 -7.49 11.89 -3.97
N PHE A 421 -7.49 12.99 -3.22
CA PHE A 421 -6.25 13.66 -2.75
C PHE A 421 -6.41 14.00 -1.28
N CYS A 422 -5.32 13.76 -0.55
CA CYS A 422 -5.29 13.92 0.91
C CYS A 422 -4.48 15.18 1.23
N PRO A 423 -5.11 16.24 1.77
CA PRO A 423 -4.40 17.46 2.14
C PRO A 423 -3.38 17.11 3.22
N GLN A 424 -2.20 17.65 3.04
CA GLN A 424 -1.06 17.54 3.97
C GLN A 424 -0.52 18.97 4.22
N ALA A 425 -0.14 19.31 5.46
CA ALA A 425 0.56 20.59 5.76
C ALA A 425 1.63 20.81 4.68
N ALA A 426 1.62 21.95 4.01
CA ALA A 426 2.52 22.21 2.87
C ALA A 426 3.95 21.86 3.28
N LEU A 427 4.71 21.21 2.40
CA LEU A 427 6.13 20.87 2.62
C LEU A 427 6.95 22.15 2.80
N ASN A 428 6.62 23.26 2.13
CA ASN A 428 7.33 24.54 2.37
C ASN A 428 6.62 25.40 3.43
N GLY A 429 5.56 24.92 4.07
CA GLY A 429 4.86 25.65 5.14
C GLY A 429 3.86 26.68 4.64
N GLU A 430 3.69 26.83 3.32
CA GLU A 430 2.72 27.82 2.78
C GLU A 430 1.47 27.08 2.25
N GLY A 431 0.49 26.89 3.14
CA GLY A 431 -0.79 26.27 2.80
C GLY A 431 -0.76 24.74 2.84
N THR A 432 -1.10 24.10 1.72
CA THR A 432 -1.40 22.66 1.67
C THR A 432 -0.57 22.04 0.54
N SER A 433 -0.18 20.80 0.71
CA SER A 433 0.26 19.90 -0.36
C SER A 433 -0.85 18.86 -0.51
N LEU A 434 -1.16 18.47 -1.73
CA LEU A 434 -2.26 17.52 -2.00
C LEU A 434 -1.65 16.18 -2.44
N ARG A 435 -1.66 15.21 -1.53
CA ARG A 435 -1.06 13.88 -1.75
C ARG A 435 -2.07 12.99 -2.48
N SER A 436 -1.63 12.29 -3.53
CA SER A 436 -2.48 11.27 -4.16
C SER A 436 -2.87 10.23 -3.11
N TRP A 437 -4.17 9.94 -2.94
CA TRP A 437 -4.61 8.78 -2.10
C TRP A 437 -4.07 7.46 -2.70
N SER A 438 -4.16 7.28 -4.01
CA SER A 438 -3.88 5.97 -4.65
C SER A 438 -2.36 5.79 -4.82
N TYR A 439 -1.61 6.86 -5.02
CA TYR A 439 -0.14 6.84 -5.18
C TYR A 439 0.47 7.84 -4.22
N PRO A 440 0.55 7.50 -2.92
CA PRO A 440 0.96 8.49 -1.93
C PRO A 440 2.43 8.94 -1.98
N THR A 441 3.24 8.38 -2.87
CA THR A 441 4.57 8.97 -3.20
C THR A 441 4.40 10.23 -4.04
N ARG A 442 3.20 10.53 -4.51
CA ARG A 442 3.00 11.63 -5.51
C ARG A 442 2.05 12.69 -4.98
N TYR A 443 2.31 13.93 -5.36
CA TYR A 443 1.60 15.17 -4.95
C TYR A 443 1.24 15.99 -6.21
N PHE A 444 0.16 16.74 -6.14
CA PHE A 444 -0.08 17.84 -7.11
C PHE A 444 1.26 18.59 -7.21
N ARG A 445 1.83 18.67 -8.41
CA ARG A 445 3.13 19.35 -8.61
C ARG A 445 3.09 20.10 -9.94
N HIS A 446 3.39 21.40 -9.92
CA HIS A 446 3.45 22.14 -11.21
C HIS A 446 4.90 22.03 -11.72
N TYR A 447 5.01 21.77 -13.02
CA TYR A 447 6.29 21.63 -13.74
C TYR A 447 6.04 22.19 -15.14
N GLU A 448 6.74 23.27 -15.46
CA GLU A 448 6.54 24.07 -16.70
C GLU A 448 5.07 24.47 -16.79
N ASN A 449 4.51 24.93 -15.69
CA ASN A 449 3.14 25.46 -15.63
C ASN A 449 2.07 24.43 -15.97
N VAL A 450 2.39 23.13 -15.94
CA VAL A 450 1.37 22.03 -16.06
C VAL A 450 1.32 21.25 -14.71
N LEU A 451 0.15 20.71 -14.33
CA LEU A 451 0.00 19.92 -13.07
C LEU A 451 0.25 18.43 -13.32
N TYR A 452 1.07 17.84 -12.46
CA TYR A 452 1.32 16.38 -12.42
C TYR A 452 1.06 15.87 -11.00
N ALA A 453 0.92 14.55 -10.89
CA ALA A 453 1.03 13.78 -9.64
C ALA A 453 2.50 13.34 -9.62
N ALA A 454 3.35 14.17 -9.03
CA ALA A 454 4.80 14.01 -9.13
C ALA A 454 5.31 13.43 -7.80
N SER A 455 6.34 12.59 -7.91
CA SER A 455 7.20 12.13 -6.80
C SER A 455 8.42 13.02 -6.66
N ASN A 456 8.94 13.09 -5.44
CA ASN A 456 10.18 13.81 -5.07
C ASN A 456 11.37 12.99 -5.59
N GLY A 457 11.71 13.15 -6.86
CA GLY A 457 12.66 12.25 -7.53
C GLY A 457 11.87 11.15 -8.16
N GLY A 458 12.27 10.70 -9.34
CA GLY A 458 11.65 9.55 -9.99
C GLY A 458 12.03 9.47 -11.46
N VAL A 459 11.36 8.60 -12.19
CA VAL A 459 11.75 8.31 -13.59
C VAL A 459 11.11 9.32 -14.54
N GLN A 460 10.11 10.11 -14.11
CA GLN A 460 9.48 11.10 -15.03
C GLN A 460 10.22 12.44 -14.86
N THR A 461 10.24 13.23 -15.93
CA THR A 461 10.86 14.59 -15.93
C THR A 461 10.19 15.46 -14.88
N PHE A 462 8.87 15.35 -14.73
CA PHE A 462 8.09 16.20 -13.79
C PHE A 462 8.30 15.73 -12.34
N ASP A 463 9.09 14.68 -12.11
CA ASP A 463 9.47 14.23 -10.74
C ASP A 463 10.75 14.92 -10.29
N SER A 464 11.19 15.97 -11.01
CA SER A 464 12.44 16.67 -10.66
C SER A 464 12.44 17.02 -9.17
N LYS A 465 13.57 16.80 -8.50
CA LYS A 465 13.72 17.20 -7.09
C LYS A 465 13.93 18.70 -7.00
N THR A 466 14.36 19.35 -8.08
CA THR A 466 14.55 20.83 -8.09
C THR A 466 13.19 21.49 -7.85
N SER A 467 13.13 22.33 -6.82
CA SER A 467 11.95 23.11 -6.40
C SER A 467 10.79 22.19 -6.01
N PHE A 468 11.02 20.94 -5.61
CA PHE A 468 9.90 20.01 -5.37
C PHE A 468 9.01 20.57 -4.25
N ASN A 469 9.60 20.90 -3.12
CA ASN A 469 8.82 21.32 -1.92
C ASN A 469 7.94 22.52 -2.29
N ASN A 470 8.52 23.46 -3.02
CA ASN A 470 7.81 24.70 -3.40
C ASN A 470 6.70 24.33 -4.39
N ASP A 471 7.05 23.52 -5.40
CA ASP A 471 6.17 23.16 -6.53
C ASP A 471 5.01 22.28 -6.07
N VAL A 472 5.02 21.78 -4.82
CA VAL A 472 3.92 20.92 -4.30
C VAL A 472 3.17 21.66 -3.20
N SER A 473 3.51 22.92 -3.00
CA SER A 473 2.87 23.73 -1.93
C SER A 473 1.97 24.81 -2.55
N PHE A 474 0.72 24.83 -2.14
CA PHE A 474 -0.33 25.75 -2.66
C PHE A 474 -1.13 26.44 -1.53
N GLU A 475 -1.31 27.75 -1.62
CA GLU A 475 -2.16 28.51 -0.66
C GLU A 475 -3.61 28.36 -1.06
N ILE A 476 -4.47 28.19 -0.06
CA ILE A 476 -5.92 28.01 -0.23
C ILE A 476 -6.53 29.41 -0.15
N GLU A 477 -7.18 29.85 -1.23
CA GLU A 477 -7.70 31.25 -1.29
C GLU A 477 -9.18 31.17 -1.68
N THR A 478 -9.90 32.25 -1.39
CA THR A 478 -11.29 32.48 -1.83
C THR A 478 -11.30 32.18 -3.32
N ALA A 479 -12.25 31.37 -3.79
CA ALA A 479 -12.49 31.14 -5.23
C ALA A 479 -12.69 32.48 -5.96
N PHE A 480 -11.98 32.71 -7.04
CA PHE A 480 -12.28 33.79 -8.00
C PHE A 480 -13.76 33.76 -8.43
N ALA A 481 -14.39 32.59 -8.48
CA ALA A 481 -15.78 32.35 -8.90
C ALA A 481 -16.33 31.13 -8.18
#